data_2CNU
#
_entry.id   2CNU
#
_cell.length_a   61.023
_cell.length_b   62.497
_cell.length_c   78.273
_cell.angle_alpha   90.00
_cell.angle_beta   90.00
_cell.angle_gamma   90.00
#
_symmetry.space_group_name_H-M   'P 21 21 21'
#
loop_
_entity.id
_entity.type
_entity.pdbx_description
1 polymer 'PHOSPHORIBOSYLAMINOIMIDAZOLE-SUCCINOCARBOXAMIDE SYNTHASE'
2 non-polymer 'ASPARTIC ACID'
3 non-polymer 'SULFATE ION'
4 water water
#
_entity_poly.entity_id   1
_entity_poly.type   'polypeptide(L)'
_entity_poly.pdbx_seq_one_letter_code
;(ACE)SITKTELDGILPLVARGKVRDIYEVDAGTLLFVATDRISAYDVIMENSIPEKGILLTKLSEFWFKFLSNDVRNHL
VDIAPGKTIFDYLPAKLSEPKYKTQLEDRSLLVHKHKLIPLEVIVRGYITGSAWKEYVKTGTVHGLKQPQGLKESQEFPE
PIFTPSTKAEQGEHDENISPAQAAELVGEDLSRRVAELAVKLYSKCKDYAKEKGIIIADTKFEFGIDEKTNEIILVDEVL
TPDSSRFWNGASYKVGESQDSYDKQFLRDWLTANKLNGVNGVKMPQDIVDRTRAKYIEAYETLTGSKWSH
;
_entity_poly.pdbx_strand_id   A
#
# COMPACT_ATOMS: atom_id res chain seq x y z
N SER A 2 21.12 -0.25 0.42
CA SER A 2 19.76 -0.73 0.29
C SER A 2 19.62 -2.18 0.79
N ILE A 3 18.39 -2.51 1.16
CA ILE A 3 17.99 -3.87 1.49
C ILE A 3 17.08 -4.30 0.31
N THR A 4 17.57 -5.18 -0.52
CA THR A 4 16.85 -5.65 -1.69
C THR A 4 16.06 -6.92 -1.42
N LYS A 5 16.71 -7.89 -0.78
CA LYS A 5 16.15 -9.23 -0.51
C LYS A 5 16.64 -9.64 0.85
N THR A 6 15.77 -9.90 1.79
CA THR A 6 16.19 -10.29 3.13
C THR A 6 16.67 -11.75 3.12
N GLU A 7 17.67 -11.99 3.92
CA GLU A 7 18.31 -13.28 4.07
C GLU A 7 18.48 -13.56 5.55
N LEU A 8 17.51 -14.27 6.13
CA LEU A 8 17.52 -14.55 7.56
C LEU A 8 17.99 -15.96 7.88
N ASP A 9 18.50 -16.71 6.90
CA ASP A 9 19.18 -17.98 7.19
C ASP A 9 18.31 -18.93 7.97
N GLY A 10 17.01 -18.89 7.72
CA GLY A 10 16.08 -19.81 8.34
C GLY A 10 15.71 -19.49 9.77
N ILE A 11 16.21 -18.39 10.35
CA ILE A 11 15.93 -18.09 11.73
C ILE A 11 14.42 -17.93 11.99
N LEU A 12 13.72 -17.36 10.99
CA LEU A 12 12.29 -17.43 10.93
C LEU A 12 11.95 -18.01 9.56
N PRO A 13 10.85 -18.78 9.47
CA PRO A 13 10.39 -19.27 8.16
C PRO A 13 9.76 -18.14 7.37
N LEU A 14 9.97 -18.16 6.07
CA LEU A 14 9.37 -17.24 5.14
CA LEU A 14 9.30 -17.27 5.14
C LEU A 14 7.93 -17.66 4.90
N VAL A 15 7.03 -16.70 4.90
CA VAL A 15 5.64 -16.89 4.47
C VAL A 15 5.50 -16.52 3.00
N ALA A 16 6.06 -15.38 2.58
CA ALA A 16 5.89 -14.93 1.24
C ALA A 16 6.95 -13.89 0.92
N ARG A 17 7.32 -13.75 -0.35
CA ARG A 17 8.05 -12.69 -0.86
CA ARG A 17 8.05 -12.57 -0.84
C ARG A 17 7.21 -12.02 -1.92
N GLY A 18 6.67 -10.82 -1.71
CA GLY A 18 5.91 -10.09 -2.67
C GLY A 18 6.73 -9.17 -3.51
N LYS A 19 6.09 -8.16 -4.09
CA LYS A 19 6.89 -7.23 -4.88
CA LYS A 19 6.81 -7.16 -4.88
C LYS A 19 7.84 -6.43 -4.02
N VAL A 20 7.42 -6.14 -2.83
CA VAL A 20 8.16 -5.26 -1.92
C VAL A 20 8.39 -5.83 -0.58
N ARG A 21 7.41 -6.51 0.03
CA ARG A 21 7.57 -7.04 1.36
CA ARG A 21 7.58 -7.03 1.37
C ARG A 21 8.02 -8.47 1.37
N ASP A 22 8.91 -8.79 2.29
CA ASP A 22 9.26 -10.14 2.67
CA ASP A 22 9.17 -10.17 2.67
C ASP A 22 8.51 -10.38 3.99
N ILE A 23 7.69 -11.43 4.06
CA ILE A 23 6.88 -11.71 5.24
C ILE A 23 7.38 -12.98 5.90
N TYR A 24 7.68 -12.92 7.19
CA TYR A 24 8.13 -14.06 7.95
C TYR A 24 7.13 -14.42 9.04
N GLU A 25 7.12 -15.69 9.46
CA GLU A 25 6.30 -16.14 10.57
C GLU A 25 7.12 -16.05 11.86
N VAL A 26 6.61 -15.27 12.80
CA VAL A 26 7.25 -15.12 14.12
C VAL A 26 6.84 -16.25 15.06
N ASP A 27 5.53 -16.46 15.14
CA ASP A 27 5.00 -17.56 15.95
CA ASP A 27 4.94 -17.43 16.05
C ASP A 27 3.58 -17.80 15.51
N ALA A 28 2.84 -18.63 16.27
CA ALA A 28 1.55 -19.09 15.72
C ALA A 28 0.62 -17.93 15.44
N GLY A 29 0.74 -16.82 16.17
CA GLY A 29 -0.15 -15.69 16.03
C GLY A 29 0.42 -14.45 15.40
N THR A 30 1.69 -14.45 14.97
CA THR A 30 2.38 -13.19 14.66
CA THR A 30 2.28 -13.17 14.59
C THR A 30 3.21 -13.35 13.40
N LEU A 31 3.25 -12.28 12.61
CA LEU A 31 4.06 -12.18 11.39
C LEU A 31 5.01 -10.99 11.50
N LEU A 32 6.04 -11.00 10.69
CA LEU A 32 6.98 -9.88 10.57
C LEU A 32 6.93 -9.44 9.12
N PHE A 33 6.49 -8.21 8.89
CA PHE A 33 6.39 -7.63 7.56
C PHE A 33 7.62 -6.77 7.32
N VAL A 34 8.50 -7.20 6.46
CA VAL A 34 9.79 -6.49 6.19
C VAL A 34 9.63 -5.80 4.85
N ALA A 35 9.55 -4.47 4.87
CA ALA A 35 9.46 -3.67 3.66
C ALA A 35 10.86 -3.51 3.09
N THR A 36 11.14 -4.14 1.99
CA THR A 36 12.40 -3.97 1.31
C THR A 36 12.42 -2.66 0.53
N ASP A 37 13.56 -2.42 -0.10
CA ASP A 37 13.77 -1.25 -0.97
C ASP A 37 13.47 -1.50 -2.42
N ARG A 38 12.88 -2.68 -2.72
CA ARG A 38 12.48 -2.97 -4.08
C ARG A 38 11.43 -1.98 -4.56
N ILE A 39 11.42 -1.79 -5.86
CA ILE A 39 10.47 -0.87 -6.53
C ILE A 39 10.02 -1.51 -7.86
N SER A 40 8.76 -1.25 -8.21
CA SER A 40 8.26 -1.73 -9.48
CA SER A 40 8.28 -1.70 -9.50
CA SER A 40 8.16 -1.72 -9.45
C SER A 40 7.83 -0.55 -10.35
N ALA A 41 7.80 -0.81 -11.65
CA ALA A 41 7.24 0.12 -12.63
C ALA A 41 6.66 -0.72 -13.74
N TYR A 42 5.50 -0.33 -14.27
CA TYR A 42 4.88 -1.08 -15.35
C TYR A 42 4.76 -2.54 -15.01
N ASP A 43 4.45 -2.82 -13.75
CA ASP A 43 4.16 -4.13 -13.14
CA ASP A 43 4.11 -4.18 -13.34
C ASP A 43 5.32 -5.13 -13.25
N VAL A 44 6.56 -4.64 -13.23
CA VAL A 44 7.73 -5.52 -12.99
CA VAL A 44 7.71 -5.48 -13.00
C VAL A 44 8.63 -4.85 -11.97
N ILE A 45 9.33 -5.69 -11.22
CA ILE A 45 10.29 -5.23 -10.22
CA ILE A 45 10.27 -5.13 -10.23
C ILE A 45 11.59 -4.83 -10.90
N MET A 46 12.18 -3.72 -10.49
CA MET A 46 13.48 -3.34 -10.97
C MET A 46 14.54 -4.27 -10.37
N GLU A 47 15.66 -4.34 -11.05
CA GLU A 47 16.76 -5.21 -10.56
C GLU A 47 17.39 -4.69 -9.27
N ASN A 48 17.57 -3.38 -9.20
CA ASN A 48 18.16 -2.72 -8.07
C ASN A 48 17.13 -1.96 -7.31
N SER A 49 17.54 -1.42 -6.16
CA SER A 49 16.67 -0.91 -5.18
C SER A 49 16.82 0.59 -4.91
N ILE A 50 15.87 1.17 -4.19
CA ILE A 50 15.90 2.57 -3.80
C ILE A 50 16.26 2.62 -2.31
N PRO A 51 17.51 3.03 -1.96
CA PRO A 51 17.90 2.91 -0.54
C PRO A 51 16.93 3.60 0.39
N GLU A 52 16.55 2.86 1.43
CA GLU A 52 15.67 3.32 2.49
C GLU A 52 14.24 3.55 2.09
N LYS A 53 13.86 3.25 0.84
CA LYS A 53 12.42 3.29 0.47
C LYS A 53 11.57 2.55 1.48
N GLY A 54 11.98 1.33 1.85
CA GLY A 54 11.14 0.54 2.75
C GLY A 54 11.06 1.13 4.15
N ILE A 55 12.08 1.83 4.59
CA ILE A 55 12.01 2.54 5.87
C ILE A 55 11.00 3.67 5.77
N LEU A 56 11.16 4.50 4.72
CA LEU A 56 10.27 5.64 4.52
C LEU A 56 8.83 5.18 4.43
N LEU A 57 8.55 4.14 3.65
CA LEU A 57 7.16 3.72 3.47
C LEU A 57 6.63 3.08 4.71
N THR A 58 7.44 2.35 5.47
CA THR A 58 7.00 1.79 6.74
C THR A 58 6.62 2.90 7.67
N LYS A 59 7.49 3.90 7.82
CA LYS A 59 7.20 4.99 8.71
CA LYS A 59 7.23 5.03 8.69
C LYS A 59 5.97 5.78 8.26
N LEU A 60 5.84 6.05 6.98
N LEU A 60 5.71 5.77 6.95
CA LEU A 60 4.65 6.76 6.48
CA LEU A 60 4.47 6.36 6.40
C LEU A 60 3.38 6.00 6.95
C LEU A 60 3.26 5.51 6.75
N SER A 61 3.38 4.70 6.72
N SER A 61 3.30 4.22 6.49
CA SER A 61 2.24 3.90 7.13
CA SER A 61 2.16 3.47 6.91
C SER A 61 2.04 3.87 8.64
C SER A 61 1.82 3.64 8.39
N GLU A 62 3.13 3.87 9.43
N GLU A 62 2.86 3.63 9.23
CA GLU A 62 2.95 3.97 10.88
CA GLU A 62 2.68 3.88 10.68
C GLU A 62 2.24 5.27 11.22
C GLU A 62 2.05 5.22 11.03
N PHE A 63 2.56 6.33 10.46
CA PHE A 63 1.90 7.62 10.62
C PHE A 63 0.41 7.49 10.36
N TRP A 64 0.05 6.86 9.24
CA TRP A 64 -1.37 6.74 8.92
C TRP A 64 -2.13 5.86 9.93
N PHE A 65 -1.54 4.77 10.40
CA PHE A 65 -2.21 3.97 11.42
C PHE A 65 -2.55 4.82 12.62
N LYS A 66 -1.62 5.67 13.06
CA LYS A 66 -1.84 6.57 14.18
C LYS A 66 -2.90 7.61 13.87
N PHE A 67 -2.83 8.19 12.68
CA PHE A 67 -3.79 9.16 12.21
C PHE A 67 -5.22 8.57 12.26
N LEU A 68 -5.35 7.30 11.94
CA LEU A 68 -6.62 6.60 11.88
C LEU A 68 -6.96 5.79 13.14
N SER A 69 -6.22 6.01 14.22
CA SER A 69 -6.29 5.17 15.40
C SER A 69 -7.69 5.12 15.99
N ASN A 70 -8.42 6.22 15.91
CA ASN A 70 -9.79 6.25 16.45
C ASN A 70 -10.85 5.90 15.41
N ASP A 71 -10.42 5.62 14.18
CA ASP A 71 -11.31 5.28 13.12
C ASP A 71 -11.34 3.77 12.83
N VAL A 72 -10.23 3.06 13.03
CA VAL A 72 -10.19 1.66 12.69
C VAL A 72 -9.04 1.02 13.50
N ARG A 73 -9.27 -0.22 13.90
CA ARG A 73 -8.31 -1.16 14.48
CA ARG A 73 -8.13 -0.94 14.45
C ARG A 73 -7.26 -1.49 13.39
N ASN A 74 -6.01 -1.77 13.76
CA ASN A 74 -5.01 -2.28 12.87
C ASN A 74 -4.29 -3.49 13.45
N HIS A 75 -3.50 -4.11 12.59
CA HIS A 75 -2.79 -5.36 12.94
C HIS A 75 -1.54 -5.20 13.72
N LEU A 76 -1.10 -4.00 14.03
CA LEU A 76 0.20 -3.87 14.70
C LEU A 76 0.17 -4.51 16.08
N VAL A 77 1.25 -5.19 16.44
CA VAL A 77 1.50 -5.61 17.80
C VAL A 77 2.02 -4.44 18.60
N ASP A 78 1.46 -4.23 19.76
CA ASP A 78 1.95 -3.20 20.67
C ASP A 78 3.36 -3.56 21.18
N ILE A 79 4.25 -2.64 20.95
CA ILE A 79 5.60 -2.79 21.46
C ILE A 79 5.71 -2.00 22.82
N ALA A 80 6.12 -2.64 23.90
CA ALA A 80 6.14 -1.98 25.23
C ALA A 80 7.09 -0.81 25.25
N PRO A 81 6.85 0.11 26.22
CA PRO A 81 7.70 1.30 26.27
C PRO A 81 9.10 0.91 26.53
N GLY A 82 9.99 1.56 25.80
CA GLY A 82 11.44 1.30 25.93
C GLY A 82 11.91 -0.01 25.27
N LYS A 83 11.04 -0.72 24.58
CA LYS A 83 11.41 -1.93 23.85
C LYS A 83 11.41 -1.63 22.40
N THR A 84 11.96 -2.54 21.62
CA THR A 84 11.92 -2.45 20.21
C THR A 84 11.40 -3.80 19.67
N ILE A 85 11.19 -3.83 18.38
CA ILE A 85 10.78 -5.08 17.74
C ILE A 85 11.76 -6.19 18.05
N PHE A 86 13.07 -5.89 18.19
CA PHE A 86 14.04 -6.91 18.42
C PHE A 86 13.82 -7.64 19.75
N ASP A 87 13.21 -6.98 20.72
CA ASP A 87 12.89 -7.63 21.97
C ASP A 87 11.81 -8.71 21.81
N TYR A 88 11.06 -8.64 20.72
CA TYR A 88 9.93 -9.52 20.43
C TYR A 88 10.29 -10.58 19.39
N LEU A 89 11.56 -10.62 18.99
CA LEU A 89 12.08 -11.52 17.99
C LEU A 89 13.15 -12.41 18.64
N PRO A 90 13.45 -13.56 18.01
CA PRO A 90 14.55 -14.38 18.52
C PRO A 90 15.81 -13.56 18.61
N ALA A 91 16.59 -13.86 19.63
CA ALA A 91 17.83 -13.17 19.92
C ALA A 91 18.76 -13.07 18.71
N LYS A 92 18.84 -14.11 17.89
CA LYS A 92 19.78 -14.08 16.78
C LYS A 92 19.50 -12.92 15.83
N LEU A 93 18.24 -12.49 15.71
CA LEU A 93 17.93 -11.42 14.78
C LEU A 93 18.47 -10.04 15.22
N SER A 94 18.96 -9.96 16.46
CA SER A 94 19.67 -8.75 16.89
C SER A 94 21.12 -8.73 16.47
N GLU A 95 21.66 -9.82 15.95
CA GLU A 95 23.04 -9.83 15.49
C GLU A 95 23.16 -8.92 14.33
N PRO A 96 24.30 -8.23 14.13
CA PRO A 96 24.46 -7.22 13.12
C PRO A 96 24.02 -7.60 11.69
N LYS A 97 24.36 -8.78 11.25
CA LYS A 97 24.04 -9.18 9.89
C LYS A 97 22.52 -9.20 9.64
N TYR A 98 21.76 -9.47 10.67
CA TYR A 98 20.29 -9.52 10.56
C TYR A 98 19.68 -8.21 10.96
N LYS A 99 20.15 -7.56 12.02
CA LYS A 99 19.56 -6.31 12.43
C LYS A 99 19.59 -5.30 11.32
N THR A 100 20.68 -5.24 10.56
CA THR A 100 20.76 -4.30 9.46
C THR A 100 19.69 -4.50 8.41
N GLN A 101 19.24 -5.73 8.24
CA GLN A 101 18.22 -6.04 7.24
C GLN A 101 16.81 -5.74 7.71
N LEU A 102 16.62 -5.54 9.02
CA LEU A 102 15.31 -5.49 9.61
C LEU A 102 14.97 -4.15 10.23
N GLU A 103 15.96 -3.46 10.79
CA GLU A 103 15.77 -2.25 11.58
CA GLU A 103 15.57 -2.32 11.64
C GLU A 103 15.02 -1.18 10.77
C GLU A 103 14.99 -1.20 10.78
N ASP A 104 13.99 -0.60 11.39
CA ASP A 104 13.25 0.55 10.86
C ASP A 104 12.33 0.27 9.70
N ARG A 105 12.42 -0.93 9.11
CA ARG A 105 11.62 -1.29 7.92
C ARG A 105 10.66 -2.47 8.19
N SER A 106 10.59 -2.91 9.45
CA SER A 106 9.85 -4.10 9.81
C SER A 106 8.76 -3.81 10.77
N LEU A 107 7.62 -4.44 10.59
CA LEU A 107 6.50 -4.32 11.52
C LEU A 107 6.08 -5.69 12.02
N LEU A 108 5.95 -5.79 13.31
CA LEU A 108 5.43 -7.00 13.97
C LEU A 108 3.92 -6.86 13.99
N VAL A 109 3.21 -7.88 13.47
CA VAL A 109 1.77 -7.78 13.27
C VAL A 109 1.07 -9.05 13.70
N HIS A 110 -0.16 -8.90 14.14
CA HIS A 110 -1.03 -10.00 14.49
C HIS A 110 -1.63 -10.62 13.25
N LYS A 111 -1.66 -11.95 13.18
CA LYS A 111 -2.46 -12.65 12.21
C LYS A 111 -3.95 -12.41 12.53
N HIS A 112 -4.72 -12.21 11.50
CA HIS A 112 -6.18 -12.15 11.62
C HIS A 112 -6.81 -12.91 10.45
N LYS A 113 -8.08 -13.25 10.63
CA LYS A 113 -8.90 -13.85 9.61
CA LYS A 113 -8.82 -13.84 9.55
C LYS A 113 -8.95 -12.85 8.43
N LEU A 114 -8.48 -13.29 7.29
CA LEU A 114 -8.46 -12.44 6.17
C LEU A 114 -9.83 -12.23 5.54
N ILE A 115 -10.02 -11.01 4.99
CA ILE A 115 -11.16 -10.73 4.06
C ILE A 115 -10.54 -10.66 2.67
N PRO A 116 -10.76 -11.66 1.81
CA PRO A 116 -9.95 -11.81 0.55
C PRO A 116 -10.49 -10.93 -0.58
N LEU A 117 -10.22 -9.63 -0.43
CA LEU A 117 -10.56 -8.56 -1.41
CA LEU A 117 -10.59 -8.64 -1.35
C LEU A 117 -9.49 -7.54 -1.36
N GLU A 118 -9.17 -6.99 -2.54
CA GLU A 118 -8.40 -5.75 -2.62
C GLU A 118 -9.41 -4.63 -2.56
N VAL A 119 -9.42 -3.90 -1.49
CA VAL A 119 -10.47 -2.91 -1.21
C VAL A 119 -9.99 -1.55 -1.74
N ILE A 120 -10.22 -1.31 -3.02
CA ILE A 120 -9.81 -0.07 -3.68
C ILE A 120 -10.92 0.95 -3.49
N VAL A 121 -10.53 2.17 -3.13
CA VAL A 121 -11.43 3.32 -3.15
C VAL A 121 -10.82 4.31 -4.13
N ARG A 122 -11.66 4.80 -5.02
CA ARG A 122 -11.27 5.80 -5.99
C ARG A 122 -11.97 7.12 -5.72
N GLY A 123 -11.15 8.18 -5.52
CA GLY A 123 -11.72 9.52 -5.48
C GLY A 123 -11.78 10.21 -6.81
N TYR A 124 -10.99 9.75 -7.74
CA TYR A 124 -10.76 10.38 -9.03
C TYR A 124 -10.69 9.32 -10.10
N ILE A 125 -11.14 9.66 -11.31
CA ILE A 125 -11.20 8.69 -12.36
C ILE A 125 -9.91 8.69 -13.18
N THR A 126 -9.22 7.56 -13.16
CA THR A 126 -7.90 7.43 -13.72
C THR A 126 -7.58 5.96 -13.86
N GLY A 127 -6.40 5.62 -14.34
CA GLY A 127 -6.01 4.23 -14.40
C GLY A 127 -6.97 3.37 -15.15
N SER A 128 -7.17 2.16 -14.65
CA SER A 128 -8.05 1.22 -15.30
C SER A 128 -9.51 1.67 -15.29
N ALA A 129 -9.87 2.46 -14.31
CA ALA A 129 -11.23 2.98 -14.25
C ALA A 129 -11.54 3.90 -15.43
N TRP A 130 -10.56 4.76 -15.75
CA TRP A 130 -10.73 5.67 -16.90
C TRP A 130 -10.81 4.88 -18.19
N LYS A 131 -9.92 3.88 -18.33
CA LYS A 131 -9.94 3.05 -19.51
CA LYS A 131 -9.95 3.10 -19.57
C LYS A 131 -11.31 2.44 -19.76
N GLU A 132 -11.86 1.83 -18.75
CA GLU A 132 -13.19 1.24 -18.85
C GLU A 132 -14.25 2.27 -19.19
N TYR A 133 -14.19 3.39 -18.49
CA TYR A 133 -15.19 4.45 -18.66
C TYR A 133 -15.19 4.98 -20.09
N VAL A 134 -14.02 5.18 -20.67
CA VAL A 134 -13.98 5.64 -22.04
C VAL A 134 -14.68 4.68 -22.99
N LYS A 135 -14.52 3.37 -22.76
CA LYS A 135 -15.12 2.40 -23.64
CA LYS A 135 -15.12 2.33 -23.59
C LYS A 135 -16.64 2.24 -23.42
N THR A 136 -17.07 2.12 -22.18
CA THR A 136 -18.42 1.72 -21.86
C THR A 136 -19.19 2.62 -20.91
N GLY A 137 -18.56 3.63 -20.33
CA GLY A 137 -19.25 4.50 -19.42
C GLY A 137 -19.49 3.91 -18.07
N THR A 138 -18.74 2.84 -17.72
CA THR A 138 -18.82 2.20 -16.43
C THR A 138 -17.44 2.18 -15.78
N VAL A 139 -17.44 1.96 -14.47
CA VAL A 139 -16.24 1.71 -13.67
C VAL A 139 -16.51 0.51 -12.80
N HIS A 140 -15.75 -0.55 -13.01
CA HIS A 140 -16.04 -1.84 -12.33
C HIS A 140 -17.49 -2.25 -12.53
N GLY A 141 -17.99 -1.96 -13.73
CA GLY A 141 -19.35 -2.28 -14.12
C GLY A 141 -20.39 -1.30 -13.63
N LEU A 142 -20.02 -0.36 -12.76
CA LEU A 142 -20.93 0.59 -12.11
C LEU A 142 -21.22 1.74 -13.13
N LYS A 143 -22.47 2.05 -13.36
CA LYS A 143 -22.82 3.13 -14.27
C LYS A 143 -22.40 4.47 -13.71
N GLN A 144 -21.78 5.27 -14.55
CA GLN A 144 -21.23 6.56 -14.16
C GLN A 144 -21.94 7.70 -14.88
N PRO A 145 -21.82 8.91 -14.36
CA PRO A 145 -22.31 10.07 -15.12
C PRO A 145 -21.56 10.22 -16.41
N GLN A 146 -22.21 10.76 -17.42
CA GLN A 146 -21.59 11.08 -18.65
C GLN A 146 -20.74 12.37 -18.47
N GLY A 147 -19.74 12.55 -19.29
CA GLY A 147 -18.99 13.78 -19.35
C GLY A 147 -17.84 13.90 -18.39
N LEU A 148 -17.51 12.85 -17.63
CA LEU A 148 -16.30 12.92 -16.78
C LEU A 148 -15.11 13.07 -17.69
N LYS A 149 -14.17 13.90 -17.25
CA LYS A 149 -12.88 14.07 -17.96
C LYS A 149 -11.79 13.38 -17.20
N GLU A 150 -10.70 13.13 -17.89
CA GLU A 150 -9.65 12.33 -17.28
C GLU A 150 -9.14 12.96 -16.00
N SER A 151 -9.02 12.19 -14.95
CA SER A 151 -8.53 12.65 -13.68
C SER A 151 -9.53 13.43 -12.85
N GLN A 152 -10.79 13.58 -13.31
CA GLN A 152 -11.80 14.30 -12.61
C GLN A 152 -12.17 13.58 -11.32
N GLU A 153 -12.54 14.34 -10.30
CA GLU A 153 -13.08 13.76 -9.08
C GLU A 153 -14.40 13.13 -9.36
N PHE A 154 -14.66 11.94 -8.81
CA PHE A 154 -16.06 11.41 -8.79
C PHE A 154 -16.92 12.26 -7.89
N PRO A 155 -18.25 12.26 -8.09
CA PRO A 155 -19.13 12.96 -7.16
C PRO A 155 -18.87 12.63 -5.71
N GLU A 156 -18.66 11.35 -5.44
CA GLU A 156 -18.27 10.85 -4.12
C GLU A 156 -17.24 9.75 -4.38
N PRO A 157 -16.29 9.53 -3.46
CA PRO A 157 -15.37 8.40 -3.67
C PRO A 157 -16.14 7.12 -3.68
N ILE A 158 -15.66 6.18 -4.48
CA ILE A 158 -16.33 4.93 -4.71
C ILE A 158 -15.47 3.73 -4.40
N PHE A 159 -16.12 2.77 -3.73
CA PHE A 159 -15.57 1.40 -3.55
C PHE A 159 -15.62 0.66 -4.87
N THR A 160 -14.43 0.23 -5.35
CA THR A 160 -14.29 -0.46 -6.59
C THR A 160 -13.33 -1.63 -6.37
N PRO A 161 -13.86 -2.76 -5.91
CA PRO A 161 -12.97 -3.86 -5.45
C PRO A 161 -12.25 -4.52 -6.59
N SER A 162 -11.16 -5.22 -6.23
CA SER A 162 -10.51 -6.09 -7.12
C SER A 162 -10.18 -7.39 -6.39
N THR A 163 -9.95 -8.42 -7.18
N THR A 163 -9.87 -8.42 -7.19
CA THR A 163 -9.37 -9.62 -6.62
CA THR A 163 -9.40 -9.72 -6.69
C THR A 163 -7.86 -9.32 -6.49
C THR A 163 -7.90 -9.88 -7.05
N LYS A 164 -7.13 -10.30 -6.03
CA LYS A 164 -5.67 -10.35 -6.10
C LYS A 164 -5.33 -11.31 -7.27
N ALA A 165 -4.30 -10.97 -8.04
CA ALA A 165 -3.94 -11.77 -9.22
C ALA A 165 -3.81 -13.26 -8.91
N GLU A 166 -4.43 -14.07 -9.76
CA GLU A 166 -4.56 -15.50 -9.54
N HIS A 170 -3.27 -10.93 -13.97
CA HIS A 170 -3.12 -9.84 -13.02
C HIS A 170 -4.37 -9.70 -12.16
N ASP A 171 -4.37 -8.72 -11.26
CA ASP A 171 -5.56 -8.46 -10.43
C ASP A 171 -6.73 -8.23 -11.34
N GLU A 172 -7.94 -8.60 -10.91
CA GLU A 172 -9.12 -8.39 -11.71
C GLU A 172 -10.07 -7.39 -11.04
N ASN A 173 -10.42 -6.31 -11.74
CA ASN A 173 -11.42 -5.40 -11.22
C ASN A 173 -12.80 -6.06 -11.19
N ILE A 174 -13.49 -5.97 -10.10
CA ILE A 174 -14.80 -6.59 -9.94
C ILE A 174 -15.78 -5.58 -9.39
N SER A 175 -17.06 -5.92 -9.54
CA SER A 175 -18.09 -5.08 -9.02
C SER A 175 -18.30 -5.24 -7.52
N PRO A 176 -18.95 -4.27 -6.88
CA PRO A 176 -19.41 -4.52 -5.51
C PRO A 176 -20.26 -5.76 -5.34
N ALA A 177 -21.13 -6.04 -6.31
CA ALA A 177 -21.95 -7.25 -6.22
C ALA A 177 -21.11 -8.49 -6.20
N GLN A 178 -20.08 -8.54 -7.02
CA GLN A 178 -19.17 -9.68 -6.99
C GLN A 178 -18.46 -9.75 -5.66
N ALA A 179 -18.02 -8.61 -5.10
CA ALA A 179 -17.43 -8.65 -3.80
C ALA A 179 -18.33 -9.27 -2.76
N ALA A 180 -19.63 -8.94 -2.83
CA ALA A 180 -20.60 -9.55 -1.91
C ALA A 180 -20.71 -11.04 -2.12
N GLU A 181 -20.62 -11.50 -3.35
CA GLU A 181 -20.60 -12.94 -3.62
C GLU A 181 -19.41 -13.60 -2.99
N LEU A 182 -18.25 -12.93 -3.03
CA LEU A 182 -17.01 -13.47 -2.51
C LEU A 182 -16.97 -13.50 -1.00
N VAL A 183 -17.40 -12.43 -0.35
CA VAL A 183 -17.18 -12.29 1.11
C VAL A 183 -18.40 -12.10 1.94
N GLY A 184 -19.57 -12.10 1.31
CA GLY A 184 -20.82 -11.92 2.00
C GLY A 184 -21.39 -10.55 1.80
N GLU A 185 -22.72 -10.49 1.70
CA GLU A 185 -23.40 -9.22 1.43
C GLU A 185 -23.23 -8.22 2.54
N ASP A 186 -23.40 -8.65 3.77
CA ASP A 186 -23.29 -7.72 4.87
C ASP A 186 -21.85 -7.25 5.01
N LEU A 187 -20.91 -8.18 4.96
CA LEU A 187 -19.50 -7.87 5.18
C LEU A 187 -18.99 -6.94 4.09
N SER A 188 -19.29 -7.25 2.83
CA SER A 188 -18.87 -6.39 1.77
C SER A 188 -19.38 -4.98 1.91
N ARG A 189 -20.63 -4.82 2.38
CA ARG A 189 -21.18 -3.47 2.56
C ARG A 189 -20.41 -2.75 3.66
N ARG A 190 -20.13 -3.44 4.74
CA ARG A 190 -19.44 -2.80 5.83
CA ARG A 190 -19.39 -2.87 5.88
C ARG A 190 -17.99 -2.41 5.46
N VAL A 191 -17.34 -3.29 4.74
CA VAL A 191 -16.01 -2.99 4.23
C VAL A 191 -16.01 -1.77 3.31
N ALA A 192 -16.94 -1.73 2.39
CA ALA A 192 -17.06 -0.64 1.49
C ALA A 192 -17.24 0.71 2.22
N GLU A 193 -18.17 0.71 3.17
CA GLU A 193 -18.46 1.95 3.87
C GLU A 193 -17.28 2.44 4.68
N LEU A 194 -16.62 1.52 5.37
CA LEU A 194 -15.45 1.84 6.13
C LEU A 194 -14.33 2.37 5.26
N ALA A 195 -14.05 1.68 4.16
CA ALA A 195 -12.95 2.08 3.29
C ALA A 195 -13.20 3.47 2.74
N VAL A 196 -14.41 3.78 2.33
CA VAL A 196 -14.68 5.11 1.80
C VAL A 196 -14.47 6.16 2.89
N LYS A 197 -14.89 5.91 4.11
CA LYS A 197 -14.67 6.80 5.22
CA LYS A 197 -14.63 6.89 5.14
C LYS A 197 -13.18 7.07 5.45
N LEU A 198 -12.40 6.00 5.50
CA LEU A 198 -10.95 6.15 5.75
C LEU A 198 -10.29 6.89 4.63
N TYR A 199 -10.59 6.52 3.39
CA TYR A 199 -10.05 7.22 2.24
C TYR A 199 -10.38 8.70 2.29
N SER A 200 -11.62 9.07 2.49
CA SER A 200 -11.98 10.48 2.43
C SER A 200 -11.23 11.29 3.46
N LYS A 201 -11.11 10.77 4.69
CA LYS A 201 -10.42 11.50 5.75
C LYS A 201 -8.98 11.73 5.37
N CYS A 202 -8.34 10.70 4.85
CA CYS A 202 -6.93 10.80 4.52
C CYS A 202 -6.66 11.58 3.26
N LYS A 203 -7.54 11.47 2.28
CA LYS A 203 -7.45 12.25 1.06
C LYS A 203 -7.57 13.73 1.35
N ASP A 204 -8.47 14.10 2.23
CA ASP A 204 -8.66 15.50 2.55
C ASP A 204 -7.38 16.01 3.24
N TYR A 205 -6.85 15.25 4.17
CA TYR A 205 -5.63 15.68 4.87
C TYR A 205 -4.48 15.85 3.92
N ALA A 206 -4.28 14.86 3.08
CA ALA A 206 -3.15 14.92 2.14
C ALA A 206 -3.27 16.06 1.17
N LYS A 207 -4.50 16.33 0.75
CA LYS A 207 -4.70 17.41 -0.21
C LYS A 207 -4.30 18.75 0.40
N GLU A 208 -4.62 18.96 1.67
CA GLU A 208 -4.19 20.19 2.35
C GLU A 208 -2.67 20.27 2.48
N LYS A 209 -1.97 19.14 2.48
CA LYS A 209 -0.52 19.10 2.45
C LYS A 209 0.10 19.20 1.05
N GLY A 210 -0.71 19.12 0.01
CA GLY A 210 -0.32 19.31 -1.38
C GLY A 210 -0.24 18.03 -2.24
N ILE A 211 -0.75 16.90 -1.76
CA ILE A 211 -0.71 15.67 -2.55
C ILE A 211 -2.17 15.19 -2.69
N ILE A 212 -2.55 14.97 -3.94
CA ILE A 212 -3.83 14.30 -4.24
C ILE A 212 -3.60 12.77 -4.31
N ILE A 213 -4.30 12.08 -3.40
CA ILE A 213 -4.30 10.64 -3.37
C ILE A 213 -5.50 10.22 -4.21
N ALA A 214 -5.28 9.87 -5.47
CA ALA A 214 -6.38 9.66 -6.42
C ALA A 214 -7.21 8.44 -6.08
N ASP A 215 -6.54 7.44 -5.53
CA ASP A 215 -7.15 6.14 -5.18
C ASP A 215 -6.21 5.48 -4.21
N THR A 216 -6.71 4.45 -3.53
CA THR A 216 -5.87 3.72 -2.62
C THR A 216 -6.46 2.32 -2.47
N LYS A 217 -5.59 1.38 -2.08
CA LYS A 217 -5.95 -0.01 -1.91
C LYS A 217 -5.74 -0.40 -0.46
N PHE A 218 -6.79 -0.81 0.21
CA PHE A 218 -6.72 -1.36 1.55
C PHE A 218 -6.84 -2.88 1.54
N GLU A 219 -6.32 -3.51 2.60
CA GLU A 219 -6.66 -4.89 2.93
CA GLU A 219 -6.57 -4.93 2.94
C GLU A 219 -7.10 -4.96 4.35
N PHE A 220 -8.18 -5.65 4.54
CA PHE A 220 -8.83 -5.82 5.82
C PHE A 220 -8.85 -7.25 6.27
N GLY A 221 -8.90 -7.43 7.57
CA GLY A 221 -9.20 -8.69 8.22
C GLY A 221 -10.37 -8.50 9.13
N ILE A 222 -10.74 -9.58 9.84
CA ILE A 222 -11.87 -9.53 10.67
C ILE A 222 -11.50 -10.27 11.94
N ASP A 223 -12.14 -9.77 12.97
N ASP A 223 -11.43 -9.55 13.10
CA ASP A 223 -12.13 -10.39 14.27
CA ASP A 223 -11.00 -10.11 14.46
C ASP A 223 -13.40 -11.20 14.33
C ASP A 223 -12.20 -10.69 15.13
N GLU A 224 -13.29 -12.51 14.35
N GLU A 224 -12.28 -12.00 15.18
CA GLU A 224 -14.52 -13.29 14.32
CA GLU A 224 -13.51 -12.64 15.52
C GLU A 224 -15.18 -13.28 15.70
C GLU A 224 -13.77 -12.54 17.01
N LYS A 225 -14.39 -12.85 16.65
N LYS A 225 -12.72 -12.31 17.80
CA LYS A 225 -14.77 -12.86 18.03
CA LYS A 225 -12.90 -12.06 19.25
C LYS A 225 -15.45 -11.54 18.44
C LYS A 225 -13.78 -10.86 19.61
N THR A 226 -15.53 -10.60 17.50
N THR A 226 -13.69 -9.80 18.78
CA THR A 226 -16.30 -9.35 17.63
CA THR A 226 -14.46 -8.56 19.01
C THR A 226 -16.98 -8.85 16.30
C THR A 226 -15.43 -8.21 17.86
N ASN A 227 -16.71 -9.46 15.15
N ASN A 227 -15.38 -8.96 16.78
CA ASN A 227 -17.20 -8.96 13.85
CA ASN A 227 -16.13 -8.72 15.54
C ASN A 227 -16.48 -7.68 13.41
C ASN A 227 -15.83 -7.33 15.02
N GLU A 228 -15.49 -7.27 14.19
N GLU A 228 -14.55 -6.97 15.03
CA GLU A 228 -14.75 -6.06 13.90
CA GLU A 228 -14.15 -5.70 14.44
C GLU A 228 -13.83 -6.24 12.72
C GLU A 228 -13.42 -5.96 13.07
N ILE A 229 -13.76 -5.18 11.96
CA ILE A 229 -12.89 -5.10 10.80
C ILE A 229 -11.56 -4.43 11.20
N ILE A 230 -10.42 -4.95 10.68
N ILE A 230 -10.48 -5.02 10.69
CA ILE A 230 -9.05 -4.53 11.06
CA ILE A 230 -9.17 -4.68 11.08
C ILE A 230 -8.16 -4.31 9.82
C ILE A 230 -8.45 -4.17 9.85
N LEU A 231 -7.37 -3.23 9.79
N LEU A 231 -7.90 -2.97 9.97
CA LEU A 231 -6.41 -3.09 8.70
CA LEU A 231 -6.99 -2.46 8.92
C LEU A 231 -5.31 -4.15 8.88
C LEU A 231 -5.62 -3.16 9.00
N VAL A 232 -5.08 -4.94 7.84
N VAL A 232 -5.16 -3.66 7.85
CA VAL A 232 -4.08 -6.01 7.88
CA VAL A 232 -3.93 -4.45 7.80
C VAL A 232 -2.95 -5.84 6.88
C VAL A 232 -3.00 -3.93 6.69
N ASP A 233 -2.82 -4.62 6.34
N ASP A 233 -1.75 -4.44 6.65
CA ASP A 233 -1.67 -4.22 5.61
CA ASP A 233 -0.79 -4.30 5.51
C ASP A 233 -1.47 -2.72 5.80
C ASP A 233 -0.41 -2.85 5.23
N GLU A 234 -0.29 -2.26 5.50
N GLU A 234 -0.15 -2.49 3.98
CA GLU A 234 0.02 -0.87 5.63
CA GLU A 234 0.36 -1.17 3.60
CA GLU A 234 0.31 -0.76 5.32
C GLU A 234 -0.67 -0.10 4.50
C GLU A 234 -0.80 -0.23 3.61
N VAL A 235 -0.90 1.18 4.77
N VAL A 235 -0.58 0.95 4.15
CA VAL A 235 -1.82 1.98 3.96
CA VAL A 235 -1.64 1.93 4.25
C VAL A 235 -1.25 3.28 3.51
C VAL A 235 -1.11 3.24 3.71
N LEU A 236 -1.83 3.71 2.40
N LEU A 236 -1.83 3.70 2.69
CA LEU A 236 -1.75 5.11 1.97
CA LEU A 236 -1.66 5.02 2.06
C LEU A 236 -0.32 5.51 1.67
C LEU A 236 -0.23 5.44 1.78
N THR A 237 0.41 4.59 1.01
CA THR A 237 1.73 4.91 0.48
C THR A 237 1.65 5.01 -1.02
N PRO A 238 2.72 5.50 -1.64
CA PRO A 238 2.69 5.57 -3.10
C PRO A 238 2.74 4.20 -3.76
N ASP A 239 3.05 3.14 -3.04
CA ASP A 239 2.96 1.82 -3.59
C ASP A 239 1.54 1.29 -3.56
N SER A 240 0.71 1.68 -2.58
CA SER A 240 -0.65 1.21 -2.44
C SER A 240 -1.68 2.19 -2.98
N SER A 241 -1.21 3.31 -3.52
CA SER A 241 -2.07 4.43 -3.87
C SER A 241 -1.50 5.15 -5.06
N ARG A 242 -2.31 5.92 -5.75
CA ARG A 242 -1.87 6.79 -6.82
C ARG A 242 -1.74 8.17 -6.23
N PHE A 243 -0.48 8.65 -6.09
CA PHE A 243 -0.19 10.01 -5.64
C PHE A 243 0.05 10.92 -6.85
N TRP A 244 -0.54 12.10 -6.73
CA TRP A 244 -0.37 13.21 -7.69
C TRP A 244 0.03 14.47 -6.94
N ASN A 245 0.73 15.36 -7.61
CA ASN A 245 1.01 16.71 -7.11
CA ASN A 245 1.00 16.67 -7.10
C ASN A 245 -0.25 17.54 -7.18
N GLY A 246 -0.70 18.06 -6.05
CA GLY A 246 -1.92 18.84 -6.00
C GLY A 246 -1.88 20.17 -6.71
N ALA A 247 -0.73 20.86 -6.66
CA ALA A 247 -0.64 22.19 -7.29
C ALA A 247 -0.74 22.12 -8.78
N SER A 248 -0.29 21.02 -9.36
CA SER A 248 -0.32 20.85 -10.79
C SER A 248 -1.52 20.11 -11.33
N TYR A 249 -2.48 19.80 -10.50
CA TYR A 249 -3.67 19.07 -10.92
C TYR A 249 -4.41 19.77 -12.01
N LYS A 250 -4.73 19.00 -13.04
CA LYS A 250 -5.53 19.54 -14.16
C LYS A 250 -6.34 18.44 -14.81
N VAL A 251 -7.63 18.60 -14.78
CA VAL A 251 -8.52 17.61 -15.37
C VAL A 251 -8.42 17.64 -16.87
N GLY A 252 -8.73 16.53 -17.49
CA GLY A 252 -8.71 16.40 -18.93
C GLY A 252 -7.41 15.87 -19.48
N GLU A 253 -6.54 15.47 -18.60
CA GLU A 253 -5.23 14.97 -18.96
C GLU A 253 -4.73 14.06 -17.88
N SER A 254 -3.66 13.35 -18.23
CA SER A 254 -3.01 12.54 -17.22
CA SER A 254 -2.92 12.56 -17.29
C SER A 254 -2.18 13.42 -16.28
N GLN A 255 -1.97 12.93 -15.08
CA GLN A 255 -1.11 13.59 -14.08
C GLN A 255 0.22 12.85 -14.04
N ASP A 256 1.28 13.55 -13.76
CA ASP A 256 2.54 12.84 -13.50
C ASP A 256 2.39 11.94 -12.26
N SER A 257 3.07 10.81 -12.30
CA SER A 257 3.16 10.00 -11.08
C SER A 257 4.10 10.71 -10.09
N TYR A 258 3.60 11.03 -8.92
CA TYR A 258 4.41 11.76 -7.93
C TYR A 258 5.68 11.03 -7.65
N ASP A 259 5.60 9.73 -7.45
CA ASP A 259 6.69 8.88 -7.02
CA ASP A 259 6.83 9.04 -7.03
C ASP A 259 7.54 8.32 -8.13
N LYS A 260 6.90 7.97 -9.25
CA LYS A 260 7.50 7.11 -10.25
C LYS A 260 7.69 7.73 -11.62
N GLN A 261 7.36 9.00 -11.82
CA GLN A 261 7.42 9.53 -13.19
C GLN A 261 8.84 9.53 -13.69
N PHE A 262 9.81 9.84 -12.83
CA PHE A 262 11.20 9.95 -13.29
C PHE A 262 11.65 8.58 -13.81
N LEU A 263 11.33 7.53 -13.05
CA LEU A 263 11.65 6.19 -13.43
C LEU A 263 10.92 5.76 -14.72
N ARG A 264 9.61 6.00 -14.76
CA ARG A 264 8.83 5.63 -15.92
C ARG A 264 9.34 6.28 -17.18
N ASP A 265 9.69 7.56 -17.08
CA ASP A 265 10.16 8.25 -18.27
C ASP A 265 11.45 7.63 -18.75
N TRP A 266 12.38 7.28 -17.87
CA TRP A 266 13.62 6.65 -18.27
C TRP A 266 13.34 5.30 -18.91
N LEU A 267 12.47 4.49 -18.32
CA LEU A 267 12.19 3.18 -18.89
C LEU A 267 11.58 3.32 -20.27
N THR A 268 10.64 4.22 -20.41
CA THR A 268 9.96 4.40 -21.70
C THR A 268 10.90 4.86 -22.77
N ALA A 269 11.78 5.79 -22.45
CA ALA A 269 12.76 6.30 -23.42
C ALA A 269 13.69 5.22 -23.89
N ASN A 270 13.85 4.13 -23.15
CA ASN A 270 14.77 3.05 -23.50
C ASN A 270 14.10 1.77 -23.92
N LYS A 271 12.78 1.78 -24.13
CA LYS A 271 12.00 0.60 -24.47
C LYS A 271 12.12 -0.49 -23.46
N LEU A 272 12.24 -0.10 -22.19
CA LEU A 272 12.43 -1.05 -21.13
C LEU A 272 11.19 -1.23 -20.29
N ASN A 273 10.13 -0.52 -20.61
CA ASN A 273 8.88 -0.71 -19.88
C ASN A 273 8.36 -2.16 -19.95
N GLY A 274 8.11 -2.72 -18.78
CA GLY A 274 7.67 -4.07 -18.64
C GLY A 274 8.72 -5.14 -18.73
N VAL A 275 9.97 -4.73 -18.85
CA VAL A 275 11.08 -5.67 -18.98
C VAL A 275 11.65 -6.05 -17.62
N ASN A 276 11.88 -7.33 -17.40
CA ASN A 276 12.47 -7.82 -16.14
C ASN A 276 13.96 -7.56 -16.08
N GLY A 277 14.50 -7.56 -14.86
CA GLY A 277 15.94 -7.49 -14.68
C GLY A 277 16.59 -6.16 -15.01
N VAL A 278 15.85 -5.05 -15.00
CA VAL A 278 16.39 -3.76 -15.41
C VAL A 278 17.01 -3.01 -14.24
N LYS A 279 18.29 -2.66 -14.39
CA LYS A 279 19.00 -1.85 -13.39
C LYS A 279 18.79 -0.39 -13.71
N MET A 280 18.26 0.35 -12.74
CA MET A 280 18.09 1.78 -12.86
C MET A 280 19.42 2.51 -12.72
N PRO A 281 19.66 3.52 -13.54
CA PRO A 281 20.88 4.30 -13.34
C PRO A 281 20.83 5.08 -12.01
N GLN A 282 22.03 5.43 -11.55
CA GLN A 282 22.12 6.08 -10.26
C GLN A 282 21.33 7.38 -10.14
N ASP A 283 21.33 8.18 -11.18
CA ASP A 283 20.58 9.43 -11.10
CA ASP A 283 20.61 9.42 -11.10
C ASP A 283 19.08 9.19 -10.92
N ILE A 284 18.58 8.12 -11.55
CA ILE A 284 17.17 7.78 -11.40
C ILE A 284 16.92 7.27 -9.98
N VAL A 285 17.83 6.45 -9.43
CA VAL A 285 17.71 5.98 -8.05
C VAL A 285 17.64 7.18 -7.09
N ASP A 286 18.62 8.10 -7.26
CA ASP A 286 18.75 9.21 -6.32
C ASP A 286 17.51 10.10 -6.32
N ARG A 287 17.04 10.42 -7.51
CA ARG A 287 15.90 11.31 -7.61
C ARG A 287 14.64 10.64 -7.07
N THR A 288 14.46 9.35 -7.37
CA THR A 288 13.29 8.60 -6.85
C THR A 288 13.33 8.56 -5.34
N ARG A 289 14.52 8.28 -4.78
CA ARG A 289 14.66 8.31 -3.34
C ARG A 289 14.28 9.65 -2.76
N ALA A 290 14.76 10.72 -3.39
CA ALA A 290 14.49 12.06 -2.87
C ALA A 290 12.99 12.34 -2.88
N LYS A 291 12.30 11.83 -3.89
CA LYS A 291 10.87 12.01 -3.99
C LYS A 291 10.14 11.26 -2.88
N TYR A 292 10.58 10.05 -2.50
CA TYR A 292 10.00 9.39 -1.33
C TYR A 292 10.21 10.18 -0.05
N ILE A 293 11.39 10.76 0.14
CA ILE A 293 11.66 11.59 1.32
C ILE A 293 10.70 12.74 1.29
N GLU A 294 10.49 13.39 0.16
CA GLU A 294 9.59 14.53 0.11
C GLU A 294 8.16 14.10 0.42
N ALA A 295 7.71 12.96 -0.09
CA ALA A 295 6.36 12.46 0.26
C ALA A 295 6.23 12.25 1.73
N TYR A 296 7.23 11.59 2.33
CA TYR A 296 7.21 11.28 3.73
C TYR A 296 7.15 12.57 4.58
N GLU A 297 8.03 13.53 4.26
CA GLU A 297 8.04 14.76 5.07
C GLU A 297 6.78 15.55 4.89
N THR A 298 6.26 15.62 3.67
CA THR A 298 5.05 16.37 3.37
C THR A 298 3.87 15.84 4.17
N LEU A 299 3.70 14.53 4.11
CA LEU A 299 2.52 13.93 4.73
C LEU A 299 2.62 13.81 6.23
N THR A 300 3.78 13.47 6.75
CA THR A 300 3.87 13.20 8.17
C THR A 300 4.19 14.44 8.98
N GLY A 301 4.81 15.45 8.40
CA GLY A 301 5.30 16.61 9.15
C GLY A 301 6.57 16.37 9.89
N SER A 302 7.13 15.18 9.81
CA SER A 302 8.40 14.81 10.41
C SER A 302 9.54 14.97 9.45
N LYS A 303 10.75 14.98 9.93
CA LYS A 303 11.88 15.17 9.11
C LYS A 303 12.57 13.84 9.01
N TRP A 304 13.05 13.53 7.83
CA TRP A 304 13.74 12.26 7.63
C TRP A 304 15.11 12.18 8.23
N SER A 305 15.90 13.15 7.89
CA SER A 305 17.31 13.11 8.34
C SER A 305 17.76 14.38 8.99
N HIS A 306 16.83 15.15 9.54
CA HIS A 306 17.24 16.29 10.36
C HIS A 306 16.24 16.60 11.43
#